data_3DEM
#
_entry.id   3DEM
#
_cell.length_a   88.692
_cell.length_b   110.232
_cell.length_c   190.587
_cell.angle_alpha   90.000
_cell.angle_beta   90.000
_cell.angle_gamma   90.000
#
_symmetry.space_group_name_H-M   'C 2 2 21'
#
loop_
_entity.id
_entity.type
_entity.pdbx_description
1 polymer 'Complement factor MASP-3'
2 non-polymer 2-acetamido-2-deoxy-beta-D-glucopyranose
3 non-polymer 'CALCIUM ION'
4 water water
#
_entity_poly.entity_id   1
_entity_poly.type   'polypeptide(L)'
_entity_poly.pdbx_seq_one_letter_code
;HTVELNNMFGQIQSPGYPDSYPSDSEVTWNITVPDGFRIKLYFMHFNLESSYLCEYDYVKVETEDQVLATFCGRETTDTE
QTPGQEVVLSPGSFMSITFRSDFSNEERFTGFDAHYMAVDVDECKEREDEELSCDHYCHNYIGGYYCSCRFGYILHTDNR
TCRVECSDNLFTQRTGVITSPDFPNPYPKSSECLYTIELEEGFMVNLQFEDIFDIEDHPEVPCPYDYIKIKVGPKVLGPF
CGEKAPEPISTQSHSVLILFHSDNSGENRGWRLSYRAA
;
_entity_poly.pdbx_strand_id   A,B
#
loop_
_chem_comp.id
_chem_comp.type
_chem_comp.name
_chem_comp.formula
CA non-polymer 'CALCIUM ION' 'Ca 2'
NAG D-saccharide, beta linking 2-acetamido-2-deoxy-beta-D-glucopyranose 'C8 H15 N O6'
#
# COMPACT_ATOMS: atom_id res chain seq x y z
N ASN A 7 12.25 3.68 9.44
CA ASN A 7 11.15 4.55 9.95
C ASN A 7 9.94 4.60 9.03
N MET A 8 9.36 3.43 8.79
CA MET A 8 8.12 3.31 8.04
C MET A 8 6.92 3.48 8.96
N PHE A 9 7.19 3.60 10.26
CA PHE A 9 6.13 3.66 11.26
C PHE A 9 6.64 4.18 12.60
N GLY A 10 5.71 4.52 13.49
CA GLY A 10 6.09 4.95 14.84
C GLY A 10 4.91 5.34 15.70
N GLN A 11 5.16 5.49 17.00
CA GLN A 11 4.15 5.91 17.96
C GLN A 11 4.63 7.17 18.66
N ILE A 12 3.69 8.04 19.02
CA ILE A 12 4.01 9.25 19.75
C ILE A 12 2.96 9.50 20.83
N GLN A 13 3.40 9.91 22.01
CA GLN A 13 2.51 10.22 23.11
C GLN A 13 2.87 11.59 23.66
N SER A 14 1.91 12.21 24.34
CA SER A 14 2.18 13.44 25.08
C SER A 14 3.04 13.14 26.31
N PRO A 15 3.83 14.13 26.75
CA PRO A 15 4.60 13.95 27.98
C PRO A 15 3.69 13.53 29.13
N GLY A 16 4.07 12.47 29.84
CA GLY A 16 3.32 12.00 30.98
C GLY A 16 2.31 10.90 30.71
N TYR A 17 1.92 10.76 29.45
CA TYR A 17 0.92 9.75 29.06
C TYR A 17 1.25 8.41 29.69
N PRO A 18 0.23 7.69 30.21
CA PRO A 18 -1.19 8.04 30.19
C PRO A 18 -1.64 8.96 31.33
N ASP A 19 -0.71 9.49 32.10
CA ASP A 19 -1.04 10.46 33.13
C ASP A 19 -1.23 11.84 32.52
N SER A 20 -1.82 12.75 33.29
CA SER A 20 -2.03 14.11 32.85
C SER A 20 -0.71 14.77 32.44
N TYR A 21 -0.73 15.55 31.38
CA TYR A 21 0.48 16.20 30.91
C TYR A 21 0.86 17.40 31.77
N PRO A 22 2.17 17.72 31.85
CA PRO A 22 2.63 18.85 32.63
C PRO A 22 2.32 20.17 31.93
N SER A 23 2.31 21.27 32.69
CA SER A 23 2.08 22.57 32.12
C SER A 23 3.37 23.14 31.55
N ASP A 24 3.25 24.19 30.74
CA ASP A 24 4.41 24.85 30.12
C ASP A 24 5.35 23.86 29.45
N SER A 25 4.80 22.97 28.65
CA SER A 25 5.64 22.03 27.93
C SER A 25 5.41 22.18 26.44
N GLU A 26 6.46 21.96 25.67
CA GLU A 26 6.39 22.04 24.22
C GLU A 26 7.34 21.05 23.60
N VAL A 27 6.79 20.09 22.87
CA VAL A 27 7.58 19.05 22.23
C VAL A 27 7.24 18.98 20.76
N THR A 28 8.27 18.92 19.93
CA THR A 28 8.10 18.77 18.49
C THR A 28 8.69 17.45 18.03
N TRP A 29 7.95 16.72 17.21
CA TRP A 29 8.45 15.52 16.56
C TRP A 29 8.52 15.75 15.06
N ASN A 30 9.70 15.60 14.47
CA ASN A 30 9.85 15.69 13.02
C ASN A 30 9.88 14.29 12.41
N ILE A 31 8.97 14.04 11.48
CA ILE A 31 8.89 12.73 10.82
C ILE A 31 9.25 12.84 9.35
N THR A 32 10.31 12.17 8.95
CA THR A 32 10.70 12.14 7.55
C THR A 32 10.67 10.69 7.04
N VAL A 33 10.05 10.50 5.88
CA VAL A 33 10.09 9.20 5.20
C VAL A 33 10.79 9.35 3.85
N PRO A 34 11.20 8.22 3.25
CA PRO A 34 11.90 8.26 1.97
C PRO A 34 11.05 8.84 0.86
N ASP A 35 11.70 9.20 -0.24
CA ASP A 35 11.00 9.72 -1.41
C ASP A 35 10.04 8.66 -1.96
N GLY A 36 8.88 9.11 -2.44
CA GLY A 36 7.88 8.20 -2.96
C GLY A 36 6.88 7.76 -1.89
N PHE A 37 7.04 8.29 -0.69
CA PHE A 37 6.13 7.98 0.41
C PHE A 37 5.51 9.24 1.00
N ARG A 38 4.34 9.08 1.59
CA ARG A 38 3.71 10.14 2.37
C ARG A 38 3.57 9.66 3.81
N ILE A 39 3.08 10.54 4.67
CA ILE A 39 2.88 10.20 6.08
C ILE A 39 1.41 10.18 6.42
N LYS A 40 0.99 9.10 7.07
CA LYS A 40 -0.37 8.95 7.58
C LYS A 40 -0.33 9.03 9.11
N LEU A 41 -1.15 9.90 9.69
CA LEU A 41 -1.20 10.08 11.14
C LEU A 41 -2.60 9.95 11.69
N TYR A 42 -2.76 9.18 12.77
CA TYR A 42 -4.05 9.06 13.45
C TYR A 42 -3.92 8.92 14.97
N PHE A 43 -5.03 9.09 15.69
CA PHE A 43 -4.99 9.11 17.15
C PHE A 43 -5.88 8.04 17.77
N MET A 44 -5.40 7.43 18.84
CA MET A 44 -6.17 6.43 19.58
C MET A 44 -6.76 7.00 20.87
N HIS A 45 -6.20 8.12 21.32
CA HIS A 45 -6.68 8.80 22.52
C HIS A 45 -6.35 10.29 22.39
N PHE A 46 -7.30 11.14 22.73
CA PHE A 46 -7.07 12.57 22.64
C PHE A 46 -7.88 13.34 23.69
N ASN A 47 -7.17 13.97 24.61
CA ASN A 47 -7.77 14.60 25.77
C ASN A 47 -7.03 15.89 26.11
N LEU A 48 -7.47 16.99 25.51
CA LEU A 48 -6.81 18.27 25.72
C LEU A 48 -7.77 19.35 26.17
N GLU A 49 -7.22 20.46 26.66
CA GLU A 49 -8.01 21.65 26.96
C GLU A 49 -8.56 22.24 25.66
N SER A 50 -9.79 22.73 25.68
CA SER A 50 -10.36 23.36 24.49
C SER A 50 -10.15 24.88 24.50
N SER A 51 -9.87 25.47 23.34
CA SER A 51 -9.78 26.93 23.21
C SER A 51 -9.96 27.45 21.78
N TYR A 52 -10.31 28.72 21.67
CA TYR A 52 -10.45 29.40 20.39
C TYR A 52 -9.22 29.20 19.51
N LEU A 53 -9.43 28.60 18.34
CA LEU A 53 -8.34 28.35 17.40
C LEU A 53 -7.24 27.50 18.03
N CYS A 54 -7.61 26.76 19.08
CA CYS A 54 -6.67 25.96 19.85
C CYS A 54 -5.45 26.77 20.26
N GLU A 55 -5.71 27.93 20.86
CA GLU A 55 -4.64 28.88 21.18
C GLU A 55 -3.89 28.51 22.46
N TYR A 56 -4.58 27.86 23.38
CA TYR A 56 -3.96 27.46 24.65
C TYR A 56 -3.18 26.17 24.52
N ASP A 57 -3.85 25.02 24.70
CA ASP A 57 -3.21 23.74 24.51
C ASP A 57 -3.54 23.22 23.11
N TYR A 58 -2.58 22.57 22.46
CA TYR A 58 -2.82 22.08 21.10
C TYR A 58 -1.85 21.02 20.60
N VAL A 59 -2.32 20.26 19.63
CA VAL A 59 -1.46 19.41 18.82
C VAL A 59 -1.52 19.96 17.40
N LYS A 60 -0.39 20.45 16.93
CA LYS A 60 -0.30 21.09 15.62
C LYS A 60 0.42 20.15 14.66
N VAL A 61 -0.20 19.88 13.52
CA VAL A 61 0.40 19.01 12.50
C VAL A 61 0.66 19.83 11.25
N GLU A 62 1.93 19.88 10.83
CA GLU A 62 2.31 20.75 9.72
C GLU A 62 3.45 20.19 8.87
N THR A 63 3.67 20.81 7.72
CA THR A 63 4.85 20.54 6.91
C THR A 63 5.80 21.71 7.07
N GLU A 64 6.78 21.82 6.17
CA GLU A 64 7.79 22.87 6.27
C GLU A 64 7.24 24.25 5.86
N ASP A 65 6.06 24.27 5.26
CA ASP A 65 5.50 25.51 4.73
C ASP A 65 3.97 25.56 4.77
N GLN A 66 3.36 24.62 5.49
CA GLN A 66 1.92 24.46 5.45
C GLN A 66 1.40 23.79 6.71
N VAL A 67 0.44 24.42 7.38
CA VAL A 67 -0.20 23.82 8.55
C VAL A 67 -1.34 22.91 8.08
N LEU A 68 -1.23 21.63 8.40
CA LEU A 68 -2.20 20.64 7.97
C LEU A 68 -3.42 20.57 8.89
N ALA A 69 -3.18 20.62 10.19
CA ALA A 69 -4.25 20.51 11.16
C ALA A 69 -3.82 20.99 12.54
N THR A 70 -4.78 21.47 13.31
CA THR A 70 -4.57 21.86 14.70
C THR A 70 -5.71 21.28 15.53
N PHE A 71 -5.35 20.54 16.57
CA PHE A 71 -6.35 19.86 17.39
C PHE A 71 -6.29 20.30 18.85
N CYS A 72 -7.45 20.30 19.48
CA CYS A 72 -7.54 20.51 20.93
C CYS A 72 -8.90 19.98 21.39
N GLY A 73 -9.17 20.05 22.68
CA GLY A 73 -10.44 19.56 23.21
C GLY A 73 -10.42 18.09 23.60
N ARG A 74 -11.53 17.60 24.11
CA ARG A 74 -11.62 16.21 24.54
C ARG A 74 -12.59 15.42 23.66
N GLU A 75 -12.16 14.23 23.25
CA GLU A 75 -12.93 13.38 22.35
C GLU A 75 -14.32 13.07 22.89
N THR A 76 -14.44 13.01 24.21
CA THR A 76 -15.74 12.79 24.86
C THR A 76 -16.76 13.82 24.39
N THR A 77 -16.57 15.06 24.84
CA THR A 77 -17.44 16.16 24.43
C THR A 77 -17.38 16.34 22.92
N ASP A 78 -18.54 16.55 22.30
CA ASP A 78 -18.60 16.69 20.85
C ASP A 78 -18.98 18.12 20.44
N THR A 79 -18.86 18.41 19.15
CA THR A 79 -18.86 19.79 18.65
C THR A 79 -17.50 20.36 19.03
N GLU A 80 -16.46 19.57 18.74
CA GLU A 80 -15.09 19.90 19.18
C GLU A 80 -14.07 19.80 18.06
N GLN A 81 -12.83 20.18 18.40
CA GLN A 81 -11.74 20.29 17.43
C GLN A 81 -10.77 19.12 17.59
N THR A 82 -11.30 18.00 18.06
CA THR A 82 -10.51 16.79 18.22
C THR A 82 -10.35 16.09 16.88
N PRO A 83 -9.32 15.23 16.77
CA PRO A 83 -9.05 14.50 15.53
C PRO A 83 -10.07 13.39 15.24
N GLY A 84 -10.66 12.82 16.28
CA GLY A 84 -11.58 11.70 16.11
C GLY A 84 -10.90 10.50 15.47
N GLN A 85 -11.59 9.88 14.52
CA GLN A 85 -11.06 8.72 13.81
C GLN A 85 -10.35 9.15 12.54
N GLU A 86 -10.24 10.46 12.34
CA GLU A 86 -9.73 11.01 11.09
C GLU A 86 -8.23 10.84 10.94
N VAL A 87 -7.81 10.50 9.73
CA VAL A 87 -6.42 10.34 9.41
C VAL A 87 -5.89 11.63 8.80
N VAL A 88 -4.72 12.06 9.26
CA VAL A 88 -4.06 13.23 8.68
C VAL A 88 -2.96 12.77 7.72
N LEU A 89 -3.08 13.15 6.46
CA LEU A 89 -2.14 12.73 5.44
C LEU A 89 -1.26 13.91 5.02
N SER A 90 0.05 13.73 5.06
CA SER A 90 0.97 14.77 4.59
C SER A 90 1.01 14.77 3.06
N PRO A 91 1.19 15.95 2.46
CA PRO A 91 1.27 16.08 0.99
C PRO A 91 2.55 15.45 0.45
N GLY A 92 3.63 15.53 1.22
CA GLY A 92 4.91 14.98 0.80
C GLY A 92 5.49 14.02 1.83
N SER A 93 6.81 13.97 1.90
CA SER A 93 7.47 12.99 2.74
C SER A 93 7.93 13.54 4.10
N PHE A 94 7.33 14.64 4.52
CA PHE A 94 7.70 15.26 5.80
C PHE A 94 6.49 15.70 6.62
N MET A 95 6.55 15.46 7.92
CA MET A 95 5.51 15.90 8.83
C MET A 95 6.09 16.32 10.17
N SER A 96 5.69 17.50 10.63
CA SER A 96 6.13 17.99 11.94
C SER A 96 4.93 18.08 12.87
N ILE A 97 5.12 17.62 14.10
CA ILE A 97 4.04 17.59 15.09
C ILE A 97 4.52 18.30 16.34
N THR A 98 3.74 19.28 16.81
CA THR A 98 4.04 19.98 18.05
C THR A 98 2.90 19.85 19.05
N PHE A 99 3.22 19.35 20.24
CA PHE A 99 2.28 19.42 21.35
C PHE A 99 2.68 20.57 22.26
N ARG A 100 1.74 21.48 22.50
CA ARG A 100 2.00 22.59 23.39
C ARG A 100 1.01 22.63 24.54
N SER A 101 1.52 22.90 25.72
CA SER A 101 0.72 23.03 26.92
C SER A 101 1.07 24.37 27.53
N ASP A 102 0.08 25.24 27.73
CA ASP A 102 0.39 26.56 28.30
C ASP A 102 0.61 26.48 29.82
N PHE A 103 0.58 27.63 30.48
CA PHE A 103 0.88 27.69 31.91
C PHE A 103 -0.30 27.25 32.77
N SER A 104 -1.49 27.21 32.17
CA SER A 104 -2.71 26.96 32.92
C SER A 104 -3.25 25.56 32.73
N ASN A 105 -2.84 24.63 33.60
CA ASN A 105 -3.39 23.28 33.60
C ASN A 105 -4.18 22.96 34.87
N GLU A 106 -5.16 23.81 35.19
CA GLU A 106 -6.10 23.59 36.28
C GLU A 106 -6.70 22.17 36.20
N GLU A 107 -7.51 21.95 35.16
CA GLU A 107 -8.05 20.62 34.87
C GLU A 107 -6.92 19.71 34.41
N ARG A 108 -7.04 18.42 34.70
CA ARG A 108 -5.99 17.46 34.41
C ARG A 108 -6.25 16.60 33.19
N PHE A 109 -5.87 17.12 32.03
CA PHE A 109 -6.08 16.44 30.76
C PHE A 109 -4.97 15.43 30.50
N THR A 110 -5.35 14.27 29.97
CA THR A 110 -4.41 13.15 29.88
C THR A 110 -3.65 13.08 28.55
N GLY A 111 -3.85 14.07 27.69
CA GLY A 111 -3.06 14.19 26.47
C GLY A 111 -3.51 13.32 25.30
N PHE A 112 -2.54 12.77 24.59
CA PHE A 112 -2.84 12.01 23.37
C PHE A 112 -1.93 10.81 23.12
N ASP A 113 -2.40 9.92 22.26
CA ASP A 113 -1.63 8.77 21.81
C ASP A 113 -1.79 8.70 20.29
N ALA A 114 -0.68 8.81 19.56
CA ALA A 114 -0.73 8.90 18.11
C ALA A 114 0.16 7.85 17.42
N HIS A 115 -0.22 7.50 16.20
CA HIS A 115 0.48 6.51 15.40
C HIS A 115 0.64 7.01 13.99
N TYR A 116 1.81 6.79 13.40
CA TYR A 116 2.06 7.22 12.03
C TYR A 116 2.73 6.09 11.23
N MET A 117 2.65 6.19 9.92
CA MET A 117 3.30 5.22 9.05
C MET A 117 3.50 5.81 7.66
N ALA A 118 4.51 5.31 6.96
CA ALA A 118 4.74 5.67 5.57
C ALA A 118 3.68 5.04 4.70
N VAL A 119 3.19 5.80 3.73
CA VAL A 119 2.22 5.31 2.77
C VAL A 119 2.76 5.54 1.37
N ASP A 120 2.75 4.51 0.54
CA ASP A 120 3.25 4.65 -0.82
C ASP A 120 2.44 5.65 -1.62
N VAL A 121 3.14 6.52 -2.34
CA VAL A 121 2.51 7.40 -3.32
C VAL A 121 2.24 6.59 -4.58
N ASP A 122 1.01 6.63 -5.06
CA ASP A 122 0.70 6.04 -6.35
C ASP A 122 0.84 7.12 -7.43
N GLU A 123 2.04 7.22 -7.99
CA GLU A 123 2.34 8.28 -8.96
C GLU A 123 1.49 8.16 -10.21
N CYS A 124 1.02 6.94 -10.51
CA CYS A 124 0.20 6.71 -11.68
C CYS A 124 -1.19 7.33 -11.54
N LYS A 125 -1.66 7.48 -10.31
CA LYS A 125 -2.94 8.10 -10.03
C LYS A 125 -2.78 9.58 -9.71
N GLU A 126 -1.82 9.87 -8.83
CA GLU A 126 -1.64 11.20 -8.28
C GLU A 126 -0.64 12.03 -9.08
N LEU A 132 4.75 15.30 -18.65
CA LEU A 132 5.77 14.62 -17.83
C LEU A 132 5.23 13.38 -17.12
N SER A 133 4.22 12.74 -17.71
CA SER A 133 3.73 11.45 -17.21
C SER A 133 3.95 10.38 -18.30
N CYS A 134 3.74 9.11 -17.94
CA CYS A 134 4.00 8.02 -18.89
C CYS A 134 3.18 8.17 -20.17
N ASP A 135 3.83 8.00 -21.30
CA ASP A 135 3.18 8.10 -22.61
C ASP A 135 2.10 7.01 -22.77
N HIS A 136 2.45 5.76 -22.49
CA HIS A 136 1.50 4.66 -22.61
C HIS A 136 1.07 4.10 -21.25
N TYR A 137 1.87 3.19 -20.69
CA TYR A 137 1.54 2.56 -19.42
C TYR A 137 2.36 3.09 -18.25
N CYS A 138 1.69 3.30 -17.12
CA CYS A 138 2.36 3.62 -15.87
C CYS A 138 2.22 2.45 -14.90
N HIS A 139 3.30 2.08 -14.23
CA HIS A 139 3.28 0.98 -13.27
C HIS A 139 3.74 1.48 -11.91
N ASN A 140 2.86 1.36 -10.92
CA ASN A 140 3.19 1.78 -9.57
C ASN A 140 3.82 0.65 -8.77
N TYR A 141 4.81 1.01 -7.94
CA TYR A 141 5.31 0.09 -6.94
C TYR A 141 5.63 0.84 -5.64
N ILE A 142 6.00 0.10 -4.61
CA ILE A 142 6.26 0.68 -3.30
C ILE A 142 7.57 1.46 -3.33
N GLY A 143 7.48 2.78 -3.23
CA GLY A 143 8.64 3.64 -3.20
C GLY A 143 8.99 4.30 -4.52
N GLY A 144 8.31 3.90 -5.59
CA GLY A 144 8.55 4.51 -6.90
C GLY A 144 7.52 4.14 -7.95
N TYR A 145 7.89 4.31 -9.22
CA TYR A 145 7.05 3.92 -10.35
C TYR A 145 7.93 3.84 -11.60
N TYR A 146 7.39 3.28 -12.68
CA TYR A 146 8.07 3.30 -13.97
C TYR A 146 7.06 3.24 -15.11
N CYS A 147 7.52 3.56 -16.31
CA CYS A 147 6.69 3.53 -17.51
C CYS A 147 7.05 2.34 -18.39
N SER A 148 6.10 1.89 -19.19
CA SER A 148 6.37 0.90 -20.23
C SER A 148 5.51 1.23 -21.45
N CYS A 149 5.70 0.48 -22.54
CA CYS A 149 5.06 0.82 -23.80
C CYS A 149 4.19 -0.29 -24.36
N ARG A 150 3.26 0.08 -25.24
CA ARG A 150 2.47 -0.89 -25.96
C ARG A 150 3.34 -1.76 -26.85
N PHE A 151 2.86 -2.97 -27.12
CA PHE A 151 3.49 -3.90 -28.03
C PHE A 151 3.83 -3.21 -29.34
N GLY A 152 5.08 -3.33 -29.76
CA GLY A 152 5.51 -2.74 -31.02
C GLY A 152 6.19 -1.39 -30.84
N TYR A 153 6.21 -0.91 -29.61
CA TYR A 153 6.86 0.38 -29.28
C TYR A 153 8.09 0.17 -28.40
N ILE A 154 8.93 1.19 -28.37
CA ILE A 154 10.18 1.14 -27.61
C ILE A 154 10.23 2.32 -26.65
N LEU A 155 10.48 2.03 -25.38
CA LEU A 155 10.63 3.10 -24.39
C LEU A 155 11.87 3.94 -24.70
N HIS A 156 11.66 5.25 -24.80
CA HIS A 156 12.71 6.19 -25.18
C HIS A 156 13.71 6.43 -24.04
N THR A 157 14.78 7.17 -24.34
CA THR A 157 15.82 7.43 -23.35
C THR A 157 15.37 8.34 -22.20
N ASP A 158 14.18 8.92 -22.34
CA ASP A 158 13.59 9.74 -21.29
C ASP A 158 12.83 8.86 -20.28
N ASN A 159 12.80 7.56 -20.56
CA ASN A 159 12.15 6.57 -19.70
C ASN A 159 10.64 6.78 -19.61
N ARG A 160 10.08 7.47 -20.60
CA ARG A 160 8.73 7.96 -20.47
C ARG A 160 7.92 7.82 -21.75
N THR A 161 8.46 8.33 -22.86
CA THR A 161 7.74 8.28 -24.13
C THR A 161 8.06 7.01 -24.93
N CYS A 162 7.17 6.69 -25.85
CA CYS A 162 7.23 5.43 -26.58
C CYS A 162 7.41 5.65 -28.08
N ARG A 163 8.61 5.36 -28.58
CA ARG A 163 8.93 5.54 -29.99
C ARG A 163 8.79 4.23 -30.76
N VAL A 164 9.00 4.28 -32.07
CA VAL A 164 8.96 3.07 -32.89
C VAL A 164 10.16 3.04 -33.83
N GLU A 165 10.45 1.86 -34.35
CA GLU A 165 11.36 1.75 -35.48
C GLU A 165 10.52 1.91 -36.73
N CYS A 166 10.86 2.89 -37.57
CA CYS A 166 10.07 3.19 -38.76
C CYS A 166 10.95 3.48 -39.97
N SER A 167 12.08 2.81 -40.06
CA SER A 167 13.05 3.08 -41.12
C SER A 167 13.41 1.86 -41.95
N ASP A 168 12.91 0.69 -41.56
CA ASP A 168 13.21 -0.55 -42.28
C ASP A 168 12.36 -0.69 -43.52
N ASN A 169 12.59 0.18 -44.50
CA ASN A 169 11.79 0.18 -45.71
C ASN A 169 12.62 0.54 -46.95
N LEU A 170 12.06 0.24 -48.11
CA LEU A 170 12.67 0.60 -49.38
C LEU A 170 11.60 0.43 -50.44
N PHE A 171 11.15 1.54 -51.01
CA PHE A 171 10.11 1.52 -52.03
C PHE A 171 10.75 1.54 -53.42
N THR A 172 10.52 0.47 -54.17
CA THR A 172 11.17 0.32 -55.48
C THR A 172 10.18 0.19 -56.61
N GLN A 173 8.90 0.03 -56.27
CA GLN A 173 7.88 -0.09 -57.30
C GLN A 173 7.61 1.28 -57.94
N ARG A 174 7.05 1.25 -59.14
CA ARG A 174 6.77 2.46 -59.90
C ARG A 174 5.83 3.41 -59.18
N THR A 175 4.96 2.86 -58.34
CA THR A 175 4.01 3.66 -57.59
C THR A 175 3.98 3.12 -56.17
N GLY A 176 3.51 3.93 -55.22
CA GLY A 176 3.38 3.49 -53.84
C GLY A 176 2.78 4.49 -52.88
N VAL A 177 2.53 4.03 -51.66
CA VAL A 177 1.96 4.86 -50.61
C VAL A 177 2.85 4.83 -49.37
N ILE A 178 3.07 6.01 -48.80
CA ILE A 178 3.92 6.13 -47.63
C ILE A 178 3.16 6.97 -46.60
N THR A 179 3.21 6.57 -45.33
CA THR A 179 2.50 7.29 -44.29
C THR A 179 3.34 7.38 -43.02
N SER A 180 2.97 8.30 -42.13
CA SER A 180 3.47 8.30 -40.77
C SER A 180 3.01 7.01 -40.08
N PRO A 181 3.77 6.55 -39.08
CA PRO A 181 3.40 5.28 -38.43
C PRO A 181 2.00 5.31 -37.81
N ASP A 182 1.21 4.28 -38.09
CA ASP A 182 -0.14 4.13 -37.54
C ASP A 182 -1.15 5.15 -38.10
N PHE A 183 -0.77 5.89 -39.15
CA PHE A 183 -1.68 6.83 -39.80
C PHE A 183 -3.03 6.18 -40.08
N PRO A 184 -4.14 6.92 -39.84
CA PRO A 184 -4.21 8.28 -39.33
C PRO A 184 -4.42 8.38 -37.81
N ASN A 185 -4.01 7.35 -37.07
CA ASN A 185 -3.97 7.46 -35.62
C ASN A 185 -2.77 8.32 -35.21
N PRO A 186 -2.77 8.86 -33.99
CA PRO A 186 -1.63 9.67 -33.55
C PRO A 186 -0.28 9.00 -33.82
N TYR A 187 0.63 9.69 -34.48
CA TYR A 187 1.96 9.13 -34.72
C TYR A 187 2.79 9.07 -33.44
N PRO A 188 3.67 8.05 -33.35
CA PRO A 188 4.53 7.85 -32.17
C PRO A 188 5.43 9.05 -31.90
N LYS A 189 5.55 9.39 -30.62
CA LYS A 189 6.45 10.45 -30.18
C LYS A 189 7.89 9.99 -30.29
N SER A 190 8.80 10.97 -30.24
CA SER A 190 10.23 10.70 -30.09
C SER A 190 10.80 9.75 -31.14
N SER A 191 10.32 9.85 -32.36
CA SER A 191 10.70 8.92 -33.40
C SER A 191 11.40 9.63 -34.55
N GLU A 192 12.08 8.84 -35.36
CA GLU A 192 12.91 9.34 -36.45
C GLU A 192 12.78 8.36 -37.61
N CYS A 193 11.85 8.65 -38.53
CA CYS A 193 11.52 7.74 -39.61
C CYS A 193 12.22 8.11 -40.89
N LEU A 194 12.86 7.13 -41.51
CA LEU A 194 13.53 7.31 -42.80
C LEU A 194 12.83 6.45 -43.84
N TYR A 195 12.13 7.11 -44.76
CA TYR A 195 11.48 6.44 -45.88
C TYR A 195 12.26 6.66 -47.15
N THR A 196 12.61 5.58 -47.84
CA THR A 196 13.48 5.67 -49.00
C THR A 196 12.83 5.14 -50.27
N ILE A 197 12.75 6.01 -51.28
CA ILE A 197 12.25 5.62 -52.59
C ILE A 197 13.46 5.49 -53.50
N GLU A 198 13.62 4.31 -54.09
CA GLU A 198 14.73 4.06 -55.01
C GLU A 198 14.21 3.43 -56.29
N LEU A 199 14.19 4.20 -57.37
CA LEU A 199 13.82 3.65 -58.68
C LEU A 199 15.04 3.55 -59.58
N GLU A 200 14.87 2.89 -60.72
CA GLU A 200 15.92 2.74 -61.71
C GLU A 200 16.28 4.10 -62.33
N GLU A 201 17.51 4.19 -62.83
CA GLU A 201 17.99 5.39 -63.50
C GLU A 201 17.04 5.84 -64.60
N GLY A 202 16.69 7.12 -64.59
CA GLY A 202 15.85 7.69 -65.64
C GLY A 202 14.39 7.86 -65.26
N PHE A 203 14.00 7.33 -64.10
CA PHE A 203 12.67 7.57 -63.55
C PHE A 203 12.70 8.80 -62.69
N MET A 204 11.61 9.56 -62.70
CA MET A 204 11.53 10.78 -61.91
C MET A 204 10.33 10.68 -60.97
N VAL A 205 10.57 10.88 -59.68
CA VAL A 205 9.55 10.65 -58.68
C VAL A 205 8.69 11.88 -58.44
N ASN A 206 7.38 11.72 -58.58
CA ASN A 206 6.44 12.76 -58.20
C ASN A 206 5.79 12.39 -56.86
N LEU A 207 5.68 13.38 -55.97
CA LEU A 207 5.11 13.15 -54.65
C LEU A 207 3.82 13.92 -54.52
N GLN A 208 2.86 13.33 -53.84
CA GLN A 208 1.55 13.93 -53.71
C GLN A 208 0.88 13.54 -52.38
N PHE A 209 0.72 14.52 -51.50
CA PHE A 209 0.07 14.28 -50.21
C PHE A 209 -1.44 14.13 -50.39
N GLU A 210 -2.04 13.30 -49.56
CA GLU A 210 -3.48 13.09 -49.61
C GLU A 210 -4.08 12.79 -48.24
N ASP A 211 -5.40 12.90 -48.15
CA ASP A 211 -6.15 12.73 -46.90
C ASP A 211 -5.68 13.68 -45.80
N ILE A 212 -5.80 13.25 -44.54
CA ILE A 212 -5.44 14.08 -43.39
C ILE A 212 -3.95 14.44 -43.39
N PHE A 213 -3.67 15.72 -43.13
CA PHE A 213 -2.32 16.19 -42.88
C PHE A 213 -2.32 16.96 -41.55
N ASP A 214 -1.60 16.43 -40.57
CA ASP A 214 -1.67 16.98 -39.21
C ASP A 214 -0.35 16.73 -38.51
N ILE A 215 0.55 17.70 -38.61
CA ILE A 215 1.84 17.66 -37.96
C ILE A 215 1.93 18.87 -37.03
N GLU A 216 2.26 18.62 -35.76
CA GLU A 216 2.34 19.69 -34.78
C GLU A 216 3.19 20.85 -35.30
N ASP A 217 2.69 22.07 -35.14
CA ASP A 217 3.44 23.25 -35.55
C ASP A 217 3.38 24.36 -34.50
N HIS A 218 3.99 25.50 -34.83
CA HIS A 218 4.00 26.67 -33.97
C HIS A 218 3.58 27.85 -34.82
N PRO A 219 2.80 28.78 -34.24
CA PRO A 219 2.29 29.91 -35.02
C PRO A 219 3.37 30.92 -35.45
N GLU A 220 4.50 30.96 -34.76
CA GLU A 220 5.52 31.98 -35.02
C GLU A 220 6.82 31.39 -35.56
N VAL A 221 7.18 30.20 -35.07
CA VAL A 221 8.45 29.58 -35.40
C VAL A 221 8.22 28.43 -36.38
N PRO A 222 9.01 28.39 -37.47
CA PRO A 222 8.87 27.31 -38.44
C PRO A 222 9.23 25.93 -37.88
N CYS A 223 8.22 25.07 -37.76
CA CYS A 223 8.38 23.66 -37.38
C CYS A 223 9.43 23.39 -36.31
N PRO A 224 9.20 23.87 -35.07
CA PRO A 224 10.16 23.66 -34.00
C PRO A 224 10.02 22.30 -33.30
N TYR A 225 8.94 21.59 -33.58
CA TYR A 225 8.61 20.36 -32.87
C TYR A 225 8.75 19.10 -33.73
N ASP A 226 7.81 18.94 -34.66
CA ASP A 226 7.80 17.81 -35.58
C ASP A 226 7.92 18.33 -37.01
N TYR A 227 8.35 17.48 -37.93
CA TYR A 227 8.52 17.92 -39.31
C TYR A 227 8.87 16.81 -40.28
N ILE A 228 8.60 17.08 -41.56
CA ILE A 228 9.07 16.28 -42.66
C ILE A 228 10.14 17.07 -43.39
N LYS A 229 11.25 16.40 -43.70
CA LYS A 229 12.23 16.91 -44.64
C LYS A 229 12.28 15.91 -45.79
N ILE A 230 12.49 16.41 -47.00
CA ILE A 230 12.58 15.55 -48.16
C ILE A 230 13.85 15.87 -48.92
N LYS A 231 14.79 14.92 -48.92
CA LYS A 231 16.03 15.12 -49.66
C LYS A 231 15.97 14.51 -51.06
N VAL A 232 16.15 15.36 -52.06
CA VAL A 232 16.24 14.93 -53.44
C VAL A 232 17.47 15.58 -54.06
N GLY A 233 18.36 14.77 -54.62
CA GLY A 233 19.65 15.26 -55.07
C GLY A 233 20.40 15.80 -53.87
N PRO A 234 21.20 16.86 -54.08
CA PRO A 234 21.94 17.49 -52.98
C PRO A 234 21.12 18.56 -52.25
N LYS A 235 19.81 18.38 -52.20
CA LYS A 235 18.93 19.43 -51.70
C LYS A 235 17.85 18.89 -50.78
N VAL A 236 17.61 19.61 -49.69
CA VAL A 236 16.55 19.24 -48.76
C VAL A 236 15.36 20.20 -48.87
N LEU A 237 14.17 19.64 -49.06
CA LEU A 237 12.95 20.42 -49.07
C LEU A 237 12.31 20.36 -47.69
N GLY A 238 11.69 21.47 -47.28
CA GLY A 238 11.08 21.54 -45.96
C GLY A 238 11.87 22.48 -45.07
N PRO A 239 11.68 22.38 -43.76
CA PRO A 239 10.80 21.39 -43.11
C PRO A 239 9.31 21.67 -43.32
N PHE A 240 8.50 20.63 -43.27
CA PHE A 240 7.06 20.78 -43.45
C PHE A 240 6.33 20.35 -42.20
N CYS A 241 5.35 21.15 -41.79
CA CYS A 241 4.52 20.82 -40.65
C CYS A 241 3.18 21.53 -40.80
N GLY A 242 2.31 21.40 -39.81
CA GLY A 242 1.03 22.12 -39.82
C GLY A 242 -0.16 21.31 -40.29
N GLU A 243 -1.22 22.02 -40.67
CA GLU A 243 -2.51 21.42 -41.03
C GLU A 243 -2.71 21.38 -42.54
N LYS A 244 -1.78 21.98 -43.27
CA LYS A 244 -1.89 22.10 -44.71
C LYS A 244 -0.67 21.44 -45.35
N ALA A 245 -0.92 20.43 -46.16
CA ALA A 245 0.15 19.68 -46.81
C ALA A 245 0.84 20.55 -47.87
N PRO A 246 2.15 20.31 -48.09
CA PRO A 246 2.81 21.02 -49.19
C PRO A 246 2.18 20.64 -50.52
N GLU A 247 2.31 21.52 -51.51
CA GLU A 247 1.83 21.24 -52.85
C GLU A 247 2.59 20.04 -53.41
N PRO A 248 2.00 19.36 -54.41
CA PRO A 248 2.66 18.23 -55.04
C PRO A 248 4.09 18.56 -55.47
N ILE A 249 4.99 17.60 -55.29
CA ILE A 249 6.40 17.82 -55.61
C ILE A 249 6.84 16.96 -56.79
N SER A 250 7.23 17.62 -57.87
CA SER A 250 7.80 16.94 -59.02
C SER A 250 9.33 16.96 -58.96
N THR A 251 9.93 15.82 -58.61
CA THR A 251 11.39 15.72 -58.62
C THR A 251 11.87 15.33 -60.01
N GLN A 252 13.16 15.47 -60.23
CA GLN A 252 13.79 15.02 -61.47
C GLN A 252 14.69 13.86 -61.09
N SER A 253 14.28 13.14 -60.06
CA SER A 253 15.15 12.15 -59.43
C SER A 253 14.48 10.78 -59.33
N HIS A 254 15.28 9.73 -59.47
CA HIS A 254 14.77 8.38 -59.33
C HIS A 254 14.84 7.93 -57.88
N SER A 255 15.45 8.76 -57.03
CA SER A 255 15.56 8.44 -55.61
C SER A 255 15.22 9.62 -54.72
N VAL A 256 14.52 9.34 -53.63
CA VAL A 256 14.04 10.37 -52.72
C VAL A 256 14.12 9.86 -51.28
N LEU A 257 14.54 10.73 -50.37
CA LEU A 257 14.49 10.41 -48.95
C LEU A 257 13.50 11.31 -48.23
N ILE A 258 12.62 10.68 -47.46
CA ILE A 258 11.68 11.40 -46.61
C ILE A 258 12.07 11.13 -45.17
N LEU A 259 12.37 12.22 -44.45
CA LEU A 259 12.65 12.14 -43.03
C LEU A 259 11.48 12.72 -42.24
N PHE A 260 10.96 11.94 -41.30
CA PHE A 260 9.90 12.40 -40.43
C PHE A 260 10.37 12.38 -38.98
N HIS A 261 10.42 13.56 -38.37
CA HIS A 261 10.87 13.69 -36.98
C HIS A 261 9.69 14.03 -36.09
N SER A 262 9.58 13.33 -34.96
CA SER A 262 8.56 13.67 -33.96
C SER A 262 9.18 13.86 -32.58
N ASP A 263 8.73 14.87 -31.85
CA ASP A 263 9.28 15.15 -30.53
C ASP A 263 8.52 14.39 -29.42
N ASN A 264 8.78 14.76 -28.17
CA ASN A 264 8.29 14.01 -27.02
C ASN A 264 6.87 14.38 -26.56
N SER A 265 6.12 15.06 -27.41
CA SER A 265 4.83 15.61 -26.99
C SER A 265 3.81 15.72 -28.14
N GLY A 266 2.53 15.55 -27.82
CA GLY A 266 1.45 15.75 -28.80
C GLY A 266 0.75 14.49 -29.29
N GLU A 267 -0.42 14.68 -29.92
CA GLU A 267 -1.21 13.54 -30.40
C GLU A 267 -1.65 13.70 -31.86
N ASN A 268 -0.90 14.47 -32.64
CA ASN A 268 -1.25 14.74 -34.03
C ASN A 268 -1.34 13.48 -34.91
N ARG A 269 -2.22 13.53 -35.92
CA ARG A 269 -2.57 12.33 -36.69
C ARG A 269 -1.60 11.95 -37.82
N GLY A 270 -0.76 12.89 -38.23
CA GLY A 270 0.27 12.59 -39.21
C GLY A 270 -0.08 12.92 -40.65
N TRP A 271 0.33 12.04 -41.57
CA TRP A 271 0.34 12.35 -42.99
C TRP A 271 0.39 11.10 -43.85
N ARG A 272 -0.01 11.28 -45.10
CA ARG A 272 0.02 10.21 -46.08
C ARG A 272 0.40 10.81 -47.43
N LEU A 273 1.24 10.11 -48.18
CA LEU A 273 1.53 10.55 -49.53
C LEU A 273 1.52 9.35 -50.47
N SER A 274 1.29 9.64 -51.75
CA SER A 274 1.50 8.65 -52.78
C SER A 274 2.58 9.17 -53.71
N TYR A 275 3.36 8.26 -54.26
CA TYR A 275 4.38 8.65 -55.22
C TYR A 275 4.20 7.89 -56.51
N ARG A 276 4.71 8.47 -57.58
CA ARG A 276 4.63 7.88 -58.92
C ARG A 276 5.91 8.22 -59.66
N ALA A 277 6.53 7.20 -60.25
CA ALA A 277 7.74 7.40 -61.03
C ALA A 277 7.36 7.64 -62.48
N ALA A 278 7.59 8.85 -62.96
CA ALA A 278 7.35 9.20 -64.36
C ALA A 278 8.53 8.74 -65.22
N ASN B 7 13.81 -5.63 -5.04
CA ASN B 7 12.77 -6.66 -5.35
C ASN B 7 11.35 -6.22 -4.99
N MET B 8 11.05 -4.93 -5.15
CA MET B 8 9.68 -4.48 -4.93
C MET B 8 8.87 -4.53 -6.22
N PHE B 9 9.56 -4.71 -7.35
CA PHE B 9 8.93 -4.64 -8.66
C PHE B 9 9.81 -5.27 -9.74
N GLY B 10 9.22 -5.51 -10.91
CA GLY B 10 9.98 -6.01 -12.05
C GLY B 10 9.13 -6.28 -13.28
N GLN B 11 9.81 -6.42 -14.42
CA GLN B 11 9.17 -6.73 -15.69
C GLN B 11 9.70 -8.05 -16.22
N ILE B 12 8.84 -8.81 -16.88
CA ILE B 12 9.23 -10.07 -17.50
C ILE B 12 8.62 -10.17 -18.89
N GLN B 13 9.40 -10.66 -19.85
CA GLN B 13 8.93 -10.89 -21.21
C GLN B 13 9.27 -12.31 -21.65
N SER B 14 8.52 -12.83 -22.61
CA SER B 14 8.86 -14.09 -23.24
C SER B 14 10.13 -13.91 -24.09
N PRO B 15 10.90 -14.99 -24.26
CA PRO B 15 12.07 -14.93 -25.14
C PRO B 15 11.69 -14.41 -26.52
N GLY B 16 12.41 -13.40 -27.01
CA GLY B 16 12.19 -12.87 -28.35
C GLY B 16 11.27 -11.67 -28.42
N TYR B 17 10.48 -11.44 -27.37
CA TYR B 17 9.53 -10.33 -27.33
C TYR B 17 10.21 -9.04 -27.77
N PRO B 18 9.52 -8.22 -28.59
CA PRO B 18 8.16 -8.40 -29.07
C PRO B 18 8.02 -9.26 -30.32
N ASP B 19 9.10 -9.92 -30.73
CA ASP B 19 9.03 -10.86 -31.85
C ASP B 19 8.48 -12.20 -31.38
N SER B 20 8.09 -13.04 -32.33
CA SER B 20 7.57 -14.36 -32.00
C SER B 20 8.59 -15.15 -31.20
N TYR B 21 8.11 -15.92 -30.21
CA TYR B 21 9.00 -16.71 -29.38
C TYR B 21 9.51 -17.96 -30.09
N PRO B 22 10.71 -18.42 -29.72
CA PRO B 22 11.28 -19.62 -30.32
C PRO B 22 10.59 -20.89 -29.81
N SER B 23 10.73 -21.97 -30.55
CA SER B 23 10.16 -23.26 -30.15
C SER B 23 11.12 -23.96 -29.20
N ASP B 24 10.61 -24.98 -28.51
CA ASP B 24 11.43 -25.76 -27.58
C ASP B 24 12.17 -24.88 -26.59
N SER B 25 11.47 -23.93 -25.99
CA SER B 25 12.07 -23.07 -24.98
C SER B 25 11.33 -23.17 -23.65
N GLU B 26 12.08 -23.08 -22.56
CA GLU B 26 11.49 -23.13 -21.24
C GLU B 26 12.28 -22.24 -20.29
N VAL B 27 11.62 -21.20 -19.79
CA VAL B 27 12.27 -20.27 -18.88
C VAL B 27 11.43 -20.15 -17.62
N THR B 28 12.12 -20.16 -16.48
CA THR B 28 11.46 -19.98 -15.19
C THR B 28 12.01 -18.74 -14.51
N TRP B 29 11.12 -17.91 -13.98
CA TRP B 29 11.52 -16.78 -13.15
C TRP B 29 11.03 -17.03 -11.74
N ASN B 30 11.94 -16.96 -10.77
CA ASN B 30 11.57 -17.04 -9.37
C ASN B 30 11.55 -15.66 -8.73
N ILE B 31 10.42 -15.28 -8.15
CA ILE B 31 10.27 -13.97 -7.54
C ILE B 31 10.08 -14.11 -6.04
N THR B 32 10.99 -13.54 -5.27
CA THR B 32 10.88 -13.53 -3.82
C THR B 32 10.85 -12.10 -3.32
N VAL B 33 9.91 -11.81 -2.43
CA VAL B 33 9.85 -10.51 -1.77
C VAL B 33 10.04 -10.72 -0.27
N PRO B 34 10.34 -9.64 0.47
CA PRO B 34 10.56 -9.74 1.91
C PRO B 34 9.31 -10.22 2.65
N ASP B 35 9.49 -10.62 3.90
CA ASP B 35 8.36 -11.03 4.74
C ASP B 35 7.41 -9.86 4.96
N GLY B 36 6.11 -10.16 4.99
CA GLY B 36 5.09 -9.14 5.16
C GLY B 36 4.59 -8.59 3.83
N PHE B 37 5.09 -9.16 2.74
CA PHE B 37 4.66 -8.76 1.40
C PHE B 37 4.13 -9.95 0.60
N ARG B 38 3.20 -9.68 -0.31
CA ARG B 38 2.75 -10.65 -1.31
C ARG B 38 3.17 -10.17 -2.70
N ILE B 39 3.00 -11.03 -3.70
CA ILE B 39 3.34 -10.68 -5.08
C ILE B 39 2.08 -10.49 -5.92
N LYS B 40 2.05 -9.37 -6.65
CA LYS B 40 0.99 -9.06 -7.59
C LYS B 40 1.52 -9.18 -9.01
N LEU B 41 0.83 -9.93 -9.87
CA LEU B 41 1.29 -10.14 -11.24
C LEU B 41 0.18 -9.86 -12.26
N TYR B 42 0.52 -9.08 -13.29
CA TYR B 42 -0.43 -8.82 -14.37
C TYR B 42 0.27 -8.74 -15.74
N PHE B 43 -0.52 -8.77 -16.81
CA PHE B 43 0.00 -8.81 -18.18
C PHE B 43 -0.50 -7.65 -19.02
N MET B 44 0.39 -7.11 -19.85
CA MET B 44 0.03 -6.03 -20.78
C MET B 44 -0.13 -6.55 -22.21
N HIS B 45 0.44 -7.72 -22.48
CA HIS B 45 0.33 -8.37 -23.79
C HIS B 45 0.41 -9.88 -23.61
N PHE B 46 -0.48 -10.61 -24.26
CA PHE B 46 -0.49 -12.06 -24.14
C PHE B 46 -0.95 -12.72 -25.44
N ASN B 47 -0.02 -13.44 -26.08
CA ASN B 47 -0.26 -14.02 -27.38
C ASN B 47 0.38 -15.41 -27.48
N LEU B 48 -0.36 -16.44 -27.09
CA LEU B 48 0.17 -17.79 -27.08
C LEU B 48 -0.67 -18.75 -27.92
N GLU B 49 -0.11 -19.91 -28.21
CA GLU B 49 -0.86 -20.99 -28.82
C GLU B 49 -1.98 -21.40 -27.88
N SER B 50 -3.17 -21.50 -28.46
CA SER B 50 -4.35 -22.00 -27.76
C SER B 50 -4.42 -23.50 -27.92
N SER B 51 -4.62 -24.20 -26.82
CA SER B 51 -4.77 -25.66 -26.83
C SER B 51 -5.59 -26.13 -25.63
N TYR B 52 -5.98 -27.39 -25.65
CA TYR B 52 -6.77 -27.99 -24.58
C TYR B 52 -5.98 -28.00 -23.28
N LEU B 53 -6.48 -27.26 -22.30
CA LEU B 53 -5.85 -27.18 -20.97
C LEU B 53 -4.41 -26.67 -21.00
N CYS B 54 -4.05 -25.92 -22.05
CA CYS B 54 -2.72 -25.31 -22.15
C CYS B 54 -1.56 -26.29 -21.98
N GLU B 55 -1.70 -27.49 -22.54
CA GLU B 55 -0.67 -28.52 -22.40
C GLU B 55 0.52 -28.29 -23.31
N TYR B 56 0.32 -27.55 -24.39
CA TYR B 56 1.38 -27.27 -25.35
C TYR B 56 2.22 -26.07 -24.93
N ASP B 57 1.78 -24.87 -25.29
CA ASP B 57 2.45 -23.65 -24.87
C ASP B 57 1.71 -23.07 -23.68
N TYR B 58 2.45 -22.52 -22.71
CA TYR B 58 1.80 -22.01 -21.51
C TYR B 58 2.66 -21.05 -20.69
N VAL B 59 1.98 -20.23 -19.90
CA VAL B 59 2.60 -19.49 -18.82
C VAL B 59 1.99 -20.02 -17.53
N LYS B 60 2.83 -20.63 -16.69
CA LYS B 60 2.39 -21.25 -15.46
C LYS B 60 2.85 -20.42 -14.27
N VAL B 61 1.90 -20.03 -13.42
CA VAL B 61 2.20 -19.23 -12.23
C VAL B 61 1.91 -20.05 -10.99
N GLU B 62 2.92 -20.22 -10.13
CA GLU B 62 2.80 -21.12 -8.99
C GLU B 62 3.65 -20.69 -7.81
N THR B 63 3.39 -21.32 -6.66
CA THR B 63 4.24 -21.18 -5.49
C THR B 63 5.04 -22.47 -5.33
N GLU B 64 5.63 -22.66 -4.16
CA GLU B 64 6.48 -23.83 -3.92
C GLU B 64 5.68 -25.12 -3.76
N ASP B 65 4.37 -25.00 -3.60
CA ASP B 65 3.52 -26.16 -3.33
C ASP B 65 2.11 -26.02 -3.91
N GLN B 66 1.90 -25.04 -4.77
CA GLN B 66 0.56 -24.69 -5.23
C GLN B 66 0.59 -23.98 -6.58
N VAL B 67 -0.16 -24.52 -7.55
CA VAL B 67 -0.29 -23.86 -8.84
C VAL B 67 -1.39 -22.80 -8.79
N LEU B 68 -1.02 -21.55 -9.01
CA LEU B 68 -1.97 -20.44 -8.91
C LEU B 68 -2.78 -20.25 -10.19
N ALA B 69 -2.12 -20.38 -11.34
CA ALA B 69 -2.77 -20.15 -12.62
C ALA B 69 -1.96 -20.70 -13.78
N THR B 70 -2.65 -21.08 -14.84
CA THR B 70 -2.02 -21.50 -16.08
C THR B 70 -2.71 -20.78 -17.25
N PHE B 71 -1.92 -20.11 -18.08
CA PHE B 71 -2.48 -19.33 -19.18
C PHE B 71 -1.96 -19.78 -20.53
N CYS B 72 -2.81 -19.66 -21.54
CA CYS B 72 -2.42 -19.85 -22.93
C CYS B 72 -3.44 -19.14 -23.81
N GLY B 73 -3.27 -19.25 -25.13
CA GLY B 73 -4.21 -18.63 -26.05
C GLY B 73 -3.89 -17.17 -26.34
N ARG B 74 -4.69 -16.55 -27.21
CA ARG B 74 -4.47 -15.16 -27.59
C ARG B 74 -5.58 -14.24 -27.09
N GLU B 75 -5.19 -13.10 -26.52
CA GLU B 75 -6.13 -12.17 -25.89
C GLU B 75 -7.21 -11.70 -26.87
N THR B 76 -6.88 -11.71 -28.16
CA THR B 76 -7.83 -11.33 -29.20
C THR B 76 -9.14 -12.15 -29.13
N THR B 77 -9.11 -13.35 -29.70
CA THR B 77 -10.30 -14.21 -29.71
C THR B 77 -10.06 -15.53 -28.99
N ASP B 78 -9.76 -15.45 -27.69
CA ASP B 78 -9.55 -16.63 -26.86
C ASP B 78 -9.93 -16.37 -25.40
N GLN B 81 -8.82 -18.46 -21.88
CA GLN B 81 -7.59 -19.05 -21.35
C GLN B 81 -6.50 -17.99 -21.10
N THR B 82 -6.78 -16.75 -21.48
CA THR B 82 -5.82 -15.66 -21.33
C THR B 82 -6.00 -14.96 -19.98
N PRO B 83 -4.94 -14.32 -19.48
CA PRO B 83 -5.00 -13.62 -18.20
C PRO B 83 -5.90 -12.39 -18.24
N GLY B 84 -6.02 -11.77 -19.42
CA GLY B 84 -6.80 -10.55 -19.56
C GLY B 84 -6.26 -9.42 -18.69
N GLN B 85 -7.17 -8.71 -18.02
CA GLN B 85 -6.79 -7.62 -17.13
C GLN B 85 -6.62 -8.12 -15.70
N GLU B 86 -6.76 -9.44 -15.52
CA GLU B 86 -6.77 -10.02 -14.18
C GLU B 86 -5.39 -10.02 -13.53
N VAL B 87 -5.38 -9.70 -12.24
CA VAL B 87 -4.18 -9.72 -11.44
C VAL B 87 -4.07 -11.07 -10.74
N VAL B 88 -2.87 -11.66 -10.77
CA VAL B 88 -2.58 -12.88 -10.02
C VAL B 88 -1.83 -12.54 -8.74
N LEU B 89 -2.44 -12.84 -7.60
CA LEU B 89 -1.85 -12.54 -6.30
C LEU B 89 -1.33 -13.82 -5.65
N SER B 90 -0.08 -13.81 -5.20
CA SER B 90 0.47 -14.94 -4.47
C SER B 90 -0.03 -14.93 -3.03
N PRO B 91 -0.20 -16.11 -2.44
CA PRO B 91 -0.63 -16.22 -1.04
C PRO B 91 0.45 -15.74 -0.08
N GLY B 92 1.71 -15.97 -0.44
CA GLY B 92 2.84 -15.60 0.41
C GLY B 92 3.84 -14.72 -0.32
N SER B 93 5.11 -14.81 0.08
CA SER B 93 6.14 -13.93 -0.46
C SER B 93 6.95 -14.56 -1.59
N PHE B 94 6.40 -15.60 -2.21
CA PHE B 94 7.11 -16.27 -3.30
C PHE B 94 6.22 -16.57 -4.51
N MET B 95 6.76 -16.37 -5.70
CA MET B 95 6.05 -16.70 -6.92
C MET B 95 7.00 -17.20 -8.00
N SER B 96 6.65 -18.32 -8.61
CA SER B 96 7.45 -18.88 -9.69
C SER B 96 6.65 -18.85 -10.99
N ILE B 97 7.30 -18.40 -12.06
CA ILE B 97 6.65 -18.28 -13.35
C ILE B 97 7.42 -19.06 -14.41
N THR B 98 6.73 -19.96 -15.10
CA THR B 98 7.37 -20.70 -16.18
C THR B 98 6.68 -20.48 -17.52
N PHE B 99 7.44 -20.01 -18.50
CA PHE B 99 6.95 -19.97 -19.88
C PHE B 99 7.50 -21.18 -20.62
N ARG B 100 6.61 -21.98 -21.20
CA ARG B 100 7.03 -23.13 -21.97
C ARG B 100 6.51 -23.06 -23.40
N SER B 101 7.38 -23.42 -24.34
CA SER B 101 7.04 -23.42 -25.75
C SER B 101 7.37 -24.80 -26.35
N ASP B 102 6.42 -25.34 -27.11
CA ASP B 102 6.58 -26.66 -27.73
C ASP B 102 7.40 -26.63 -29.02
N PHE B 103 7.19 -27.61 -29.90
CA PHE B 103 8.10 -27.86 -31.02
C PHE B 103 7.90 -27.01 -32.28
N SER B 104 6.76 -26.35 -32.40
CA SER B 104 6.48 -25.57 -33.61
C SER B 104 5.66 -24.30 -33.35
N ASN B 105 6.28 -23.17 -33.64
CA ASN B 105 5.60 -21.87 -33.57
C ASN B 105 5.43 -21.27 -34.97
N GLU B 106 4.72 -22.00 -35.82
CA GLU B 106 4.54 -21.60 -37.22
C GLU B 106 3.59 -20.42 -37.41
N GLU B 107 2.75 -20.16 -36.42
CA GLU B 107 1.83 -19.03 -36.48
C GLU B 107 2.51 -17.76 -36.00
N ARG B 108 3.70 -17.93 -35.41
CA ARG B 108 4.48 -16.82 -34.90
C ARG B 108 3.74 -16.08 -33.79
N PHE B 109 3.38 -16.79 -32.72
CA PHE B 109 2.81 -16.14 -31.54
C PHE B 109 3.88 -15.27 -30.90
N THR B 110 3.49 -14.08 -30.48
CA THR B 110 4.46 -13.08 -30.02
C THR B 110 4.72 -13.08 -28.52
N GLY B 111 4.11 -14.02 -27.80
CA GLY B 111 4.41 -14.21 -26.38
C GLY B 111 3.69 -13.27 -25.43
N PHE B 112 4.41 -12.81 -24.41
CA PHE B 112 3.79 -12.03 -23.34
C PHE B 112 4.70 -10.95 -22.75
N ASP B 113 4.07 -9.98 -22.09
CA ASP B 113 4.76 -8.92 -21.37
C ASP B 113 4.09 -8.83 -20.01
N ALA B 114 4.86 -9.07 -18.95
CA ALA B 114 4.31 -9.12 -17.59
C ALA B 114 5.01 -8.19 -16.62
N HIS B 115 4.28 -7.79 -15.58
CA HIS B 115 4.79 -6.87 -14.57
C HIS B 115 4.37 -7.37 -13.20
N TYR B 116 5.30 -7.30 -12.25
CA TYR B 116 4.99 -7.71 -10.88
C TYR B 116 5.47 -6.67 -9.88
N MET B 117 4.90 -6.71 -8.68
CA MET B 117 5.33 -5.84 -7.61
C MET B 117 4.98 -6.43 -6.25
N ALA B 118 5.72 -6.04 -5.23
CA ALA B 118 5.41 -6.42 -3.86
C ALA B 118 4.21 -5.62 -3.39
N VAL B 119 3.34 -6.29 -2.64
CA VAL B 119 2.16 -5.65 -2.08
C VAL B 119 2.15 -5.94 -0.58
N ASP B 120 1.96 -4.90 0.22
CA ASP B 120 1.94 -5.08 1.66
C ASP B 120 0.79 -5.96 2.09
N VAL B 121 1.09 -6.91 2.99
CA VAL B 121 0.07 -7.69 3.66
C VAL B 121 -0.52 -6.84 4.79
N ASP B 122 -1.84 -6.69 4.80
CA ASP B 122 -2.50 -6.05 5.93
C ASP B 122 -2.86 -7.11 6.97
N GLU B 123 -1.95 -7.36 7.90
CA GLU B 123 -2.13 -8.42 8.89
C GLU B 123 -3.34 -8.17 9.78
N CYS B 124 -3.71 -6.91 9.95
CA CYS B 124 -4.86 -6.56 10.77
C CYS B 124 -6.18 -7.01 10.13
N LYS B 125 -6.19 -7.15 8.81
CA LYS B 125 -7.37 -7.62 8.08
C LYS B 125 -7.31 -9.12 7.84
N GLU B 126 -6.12 -9.64 7.55
CA GLU B 126 -5.95 -11.08 7.30
C GLU B 126 -6.06 -11.92 8.59
N LEU B 132 -4.14 -15.63 17.71
CA LEU B 132 -3.00 -14.85 18.21
C LEU B 132 -2.98 -13.45 17.58
N SER B 133 -4.15 -12.84 17.52
CA SER B 133 -4.28 -11.50 16.99
C SER B 133 -4.11 -10.50 18.12
N CYS B 134 -4.04 -9.22 17.78
CA CYS B 134 -3.95 -8.18 18.79
C CYS B 134 -5.18 -8.21 19.71
N ASP B 135 -4.95 -8.08 21.00
CA ASP B 135 -6.02 -8.10 22.00
C ASP B 135 -6.95 -6.89 21.84
N HIS B 136 -6.36 -5.71 21.72
CA HIS B 136 -7.16 -4.50 21.51
C HIS B 136 -7.00 -3.93 20.09
N TYR B 137 -5.98 -3.13 19.87
CA TYR B 137 -5.77 -2.47 18.59
C TYR B 137 -4.68 -3.11 17.74
N CYS B 138 -4.97 -3.27 16.46
CA CYS B 138 -3.95 -3.69 15.50
C CYS B 138 -3.60 -2.50 14.60
N HIS B 139 -2.31 -2.29 14.36
CA HIS B 139 -1.86 -1.22 13.47
C HIS B 139 -1.01 -1.79 12.34
N ASN B 140 -1.48 -1.59 11.10
CA ASN B 140 -0.76 -2.09 9.94
C ASN B 140 0.24 -1.06 9.43
N TYR B 141 1.40 -1.54 8.97
CA TYR B 141 2.33 -0.70 8.23
C TYR B 141 2.98 -1.50 7.12
N ILE B 142 3.75 -0.83 6.27
CA ILE B 142 4.37 -1.47 5.13
C ILE B 142 5.49 -2.41 5.59
N GLY B 143 5.26 -3.71 5.42
CA GLY B 143 6.27 -4.71 5.77
C GLY B 143 6.07 -5.37 7.12
N GLY B 144 5.12 -4.88 7.92
CA GLY B 144 4.83 -5.49 9.20
C GLY B 144 3.54 -4.98 9.85
N TYR B 145 3.43 -5.16 11.15
CA TYR B 145 2.31 -4.66 11.94
C TYR B 145 2.68 -4.68 13.41
N TYR B 146 1.89 -4.01 14.24
CA TYR B 146 2.08 -4.08 15.69
C TYR B 146 0.76 -3.88 16.43
N CYS B 147 0.76 -4.23 17.72
CA CYS B 147 -0.42 -4.08 18.56
C CYS B 147 -0.26 -2.93 19.54
N SER B 148 -1.38 -2.37 19.98
CA SER B 148 -1.38 -1.41 21.07
C SER B 148 -2.62 -1.62 21.91
N CYS B 149 -2.75 -0.88 23.00
CA CYS B 149 -3.82 -1.10 23.96
C CYS B 149 -4.68 0.11 24.20
N ARG B 150 -5.91 -0.12 24.69
CA ARG B 150 -6.78 0.97 25.11
C ARG B 150 -6.15 1.73 26.25
N PHE B 151 -6.56 2.99 26.37
CA PHE B 151 -6.19 3.85 27.47
C PHE B 151 -6.42 3.15 28.80
N GLY B 152 -5.39 3.11 29.64
CA GLY B 152 -5.49 2.50 30.96
C GLY B 152 -4.95 1.09 31.00
N TYR B 153 -4.54 0.58 29.85
CA TYR B 153 -4.01 -0.77 29.74
C TYR B 153 -2.53 -0.73 29.36
N ILE B 154 -1.84 -1.84 29.60
CA ILE B 154 -0.42 -1.94 29.30
C ILE B 154 -0.16 -3.13 28.40
N LEU B 155 0.53 -2.89 27.29
CA LEU B 155 0.90 -3.97 26.38
C LEU B 155 1.84 -4.96 27.08
N HIS B 156 1.46 -6.23 27.07
CA HIS B 156 2.19 -7.28 27.78
C HIS B 156 3.48 -7.65 27.04
N THR B 157 4.27 -8.55 27.64
CA THR B 157 5.55 -8.93 27.07
C THR B 157 5.42 -9.79 25.81
N ASP B 158 4.20 -10.22 25.50
CA ASP B 158 3.94 -10.99 24.29
C ASP B 158 3.70 -10.05 23.13
N ASN B 159 3.70 -8.75 23.43
CA ASN B 159 3.52 -7.70 22.42
C ASN B 159 2.13 -7.72 21.81
N ARG B 160 1.20 -8.36 22.50
CA ARG B 160 -0.09 -8.68 21.90
C ARG B 160 -1.26 -8.41 22.84
N THR B 161 -1.18 -8.92 24.06
CA THR B 161 -2.29 -8.76 25.01
C THR B 161 -2.13 -7.54 25.91
N CYS B 162 -3.24 -7.12 26.50
CA CYS B 162 -3.29 -5.85 27.21
C CYS B 162 -3.68 -6.05 28.68
N ARG B 163 -2.69 -5.90 29.55
CA ARG B 163 -2.92 -6.10 30.98
C ARG B 163 -3.18 -4.78 31.69
N VAL B 164 -3.49 -4.84 32.98
CA VAL B 164 -3.65 -3.64 33.77
C VAL B 164 -2.85 -3.73 35.06
N GLU B 165 -2.63 -2.59 35.69
CA GLU B 165 -2.16 -2.56 37.06
C GLU B 165 -3.39 -2.60 37.96
N CYS B 166 -3.47 -3.59 38.84
CA CYS B 166 -4.67 -3.76 39.67
C CYS B 166 -4.30 -4.14 41.11
N SER B 167 -3.16 -3.64 41.57
CA SER B 167 -2.67 -4.00 42.89
C SER B 167 -2.53 -2.81 43.84
N ASP B 168 -2.70 -1.59 43.33
CA ASP B 168 -2.52 -0.41 44.14
C ASP B 168 -3.73 -0.13 45.03
N ASN B 169 -3.96 -1.01 45.99
CA ASN B 169 -5.11 -0.89 46.85
C ASN B 169 -4.82 -1.33 48.28
N LEU B 170 -5.71 -0.95 49.19
CA LEU B 170 -5.65 -1.37 50.57
C LEU B 170 -6.99 -1.06 51.22
N PHE B 171 -7.72 -2.11 51.59
CA PHE B 171 -9.04 -1.96 52.17
C PHE B 171 -8.97 -2.03 53.69
N THR B 172 -9.29 -0.92 54.35
CA THR B 172 -9.11 -0.82 55.78
C THR B 172 -10.42 -0.61 56.52
N GLN B 173 -11.50 -0.38 55.78
CA GLN B 173 -12.77 -0.09 56.43
C GLN B 173 -13.57 -1.35 56.72
N ARG B 174 -14.43 -1.25 57.73
CA ARG B 174 -15.12 -2.41 58.31
C ARG B 174 -15.84 -3.29 57.27
N THR B 175 -16.44 -2.65 56.27
CA THR B 175 -17.06 -3.37 55.16
C THR B 175 -16.56 -2.80 53.84
N GLY B 176 -16.65 -3.58 52.77
CA GLY B 176 -16.20 -3.11 51.47
C GLY B 176 -16.53 -4.05 50.34
N VAL B 177 -16.24 -3.59 49.12
CA VAL B 177 -16.51 -4.36 47.91
C VAL B 177 -15.25 -4.43 47.05
N ILE B 178 -14.97 -5.62 46.55
CA ILE B 178 -13.79 -5.86 45.75
C ILE B 178 -14.23 -6.61 44.50
N THR B 179 -13.72 -6.22 43.34
CA THR B 179 -14.10 -6.89 42.08
C THR B 179 -12.90 -7.08 41.17
N SER B 180 -13.06 -7.95 40.18
CA SER B 180 -12.08 -8.06 39.10
C SER B 180 -12.11 -6.73 38.34
N PRO B 181 -11.01 -6.37 37.68
CA PRO B 181 -10.97 -5.08 36.98
C PRO B 181 -12.07 -4.96 35.93
N ASP B 182 -12.77 -3.84 35.93
CA ASP B 182 -13.83 -3.55 34.96
C ASP B 182 -15.10 -4.40 35.10
N PHE B 183 -15.20 -5.16 36.20
CA PHE B 183 -16.39 -5.99 36.46
C PHE B 183 -17.68 -5.19 36.28
N PRO B 184 -18.70 -5.81 35.64
CA PRO B 184 -18.75 -7.15 35.09
C PRO B 184 -18.42 -7.24 33.59
N ASN B 185 -17.66 -6.28 33.08
CA ASN B 185 -17.13 -6.42 31.73
C ASN B 185 -15.95 -7.40 31.74
N PRO B 186 -15.59 -7.97 30.58
CA PRO B 186 -14.50 -8.93 30.55
C PRO B 186 -13.26 -8.41 31.27
N TYR B 187 -12.70 -9.21 32.18
CA TYR B 187 -11.48 -8.79 32.89
C TYR B 187 -10.26 -8.84 31.98
N PRO B 188 -9.29 -7.94 32.22
CA PRO B 188 -8.06 -7.85 31.42
C PRO B 188 -7.27 -9.16 31.44
N LYS B 189 -6.71 -9.51 30.28
CA LYS B 189 -5.87 -10.68 30.15
C LYS B 189 -4.51 -10.42 30.78
N SER B 190 -3.75 -11.50 31.00
CA SER B 190 -2.33 -11.39 31.37
C SER B 190 -2.06 -10.49 32.58
N SER B 191 -2.97 -10.49 33.55
CA SER B 191 -2.85 -9.61 34.70
C SER B 191 -2.68 -10.37 36.01
N GLU B 192 -2.24 -9.66 37.02
CA GLU B 192 -1.91 -10.25 38.31
C GLU B 192 -2.33 -9.24 39.37
N CYS B 193 -3.53 -9.43 39.93
CA CYS B 193 -4.10 -8.46 40.85
C CYS B 193 -3.97 -8.89 42.29
N LEU B 194 -3.44 -7.98 43.11
CA LEU B 194 -3.32 -8.22 44.54
C LEU B 194 -4.25 -7.27 45.28
N TYR B 195 -5.29 -7.83 45.89
CA TYR B 195 -6.21 -7.06 46.71
C TYR B 195 -5.95 -7.35 48.18
N THR B 196 -5.75 -6.30 48.96
CA THR B 196 -5.37 -6.47 50.35
C THR B 196 -6.40 -5.88 51.33
N ILE B 197 -6.89 -6.73 52.23
CA ILE B 197 -7.75 -6.27 53.29
C ILE B 197 -6.98 -6.28 54.59
N GLU B 198 -6.99 -5.15 55.27
CA GLU B 198 -6.34 -5.05 56.58
C GLU B 198 -7.21 -4.25 57.52
N LEU B 199 -7.99 -4.95 58.34
CA LEU B 199 -8.89 -4.28 59.28
C LEU B 199 -8.18 -4.02 60.60
N GLU B 200 -8.88 -3.40 61.54
CA GLU B 200 -8.32 -3.18 62.86
C GLU B 200 -8.21 -4.49 63.64
N GLU B 201 -7.11 -4.60 64.39
CA GLU B 201 -6.90 -5.74 65.28
C GLU B 201 -8.16 -6.06 66.09
N GLY B 202 -8.55 -7.34 66.09
CA GLY B 202 -9.75 -7.79 66.80
C GLY B 202 -10.90 -8.06 65.85
N PHE B 203 -10.87 -7.41 64.68
CA PHE B 203 -11.88 -7.61 63.68
C PHE B 203 -11.60 -8.90 62.91
N MET B 204 -12.65 -9.60 62.50
CA MET B 204 -12.51 -10.84 61.75
C MET B 204 -13.26 -10.74 60.44
N VAL B 205 -12.57 -11.01 59.34
CA VAL B 205 -13.11 -10.80 58.01
C VAL B 205 -13.97 -11.98 57.54
N ASN B 206 -15.19 -11.67 57.14
CA ASN B 206 -16.04 -12.63 56.45
C ASN B 206 -16.15 -12.23 54.98
N LEU B 207 -15.88 -13.16 54.08
CA LEU B 207 -15.90 -12.91 52.64
C LEU B 207 -17.16 -13.54 52.03
N GLN B 208 -17.71 -12.88 51.02
CA GLN B 208 -18.95 -13.32 50.43
C GLN B 208 -19.01 -12.89 48.97
N PHE B 209 -19.02 -13.84 48.05
CA PHE B 209 -19.17 -13.55 46.63
C PHE B 209 -20.63 -13.26 46.27
N GLU B 210 -20.83 -12.39 45.29
CA GLU B 210 -22.17 -11.98 44.89
C GLU B 210 -22.13 -11.59 43.43
N ASP B 211 -23.31 -11.52 42.81
CA ASP B 211 -23.43 -11.13 41.42
C ASP B 211 -22.83 -12.18 40.51
N ILE B 212 -22.49 -11.78 39.29
CA ILE B 212 -21.88 -12.67 38.32
C ILE B 212 -20.57 -13.26 38.86
N PHE B 213 -20.39 -14.55 38.64
CA PHE B 213 -19.11 -15.19 38.86
C PHE B 213 -18.74 -15.97 37.60
N ASP B 214 -17.67 -15.56 36.93
CA ASP B 214 -17.31 -16.10 35.62
C ASP B 214 -15.80 -16.02 35.42
N ILE B 215 -15.11 -17.09 35.81
CA ILE B 215 -13.67 -17.20 35.65
C ILE B 215 -13.40 -18.42 34.79
N GLU B 216 -12.63 -18.23 33.71
CA GLU B 216 -12.34 -19.32 32.80
C GLU B 216 -11.85 -20.58 33.54
N ASP B 217 -12.42 -21.73 33.19
CA ASP B 217 -12.00 -22.98 33.80
C ASP B 217 -11.79 -24.10 32.77
N HIS B 218 -11.54 -25.31 33.27
CA HIS B 218 -11.34 -26.48 32.43
C HIS B 218 -12.13 -27.62 33.06
N PRO B 219 -12.80 -28.43 32.21
CA PRO B 219 -13.67 -29.48 32.73
C PRO B 219 -12.95 -30.59 33.49
N GLU B 220 -11.65 -30.78 33.24
CA GLU B 220 -10.91 -31.90 33.81
C GLU B 220 -9.82 -31.45 34.78
N VAL B 221 -9.17 -30.34 34.46
CA VAL B 221 -8.03 -29.86 35.23
C VAL B 221 -8.44 -28.67 36.10
N PRO B 222 -8.06 -28.70 37.39
CA PRO B 222 -8.40 -27.58 38.29
C PRO B 222 -7.72 -26.26 37.92
N CYS B 223 -8.52 -25.31 37.45
CA CYS B 223 -8.07 -23.92 37.21
C CYS B 223 -6.69 -23.80 36.56
N PRO B 224 -6.56 -24.32 35.33
CA PRO B 224 -5.26 -24.22 34.66
C PRO B 224 -4.99 -22.85 34.01
N TYR B 225 -6.02 -22.02 33.90
CA TYR B 225 -5.92 -20.77 33.16
C TYR B 225 -5.96 -19.54 34.06
N ASP B 226 -7.14 -19.23 34.58
CA ASP B 226 -7.34 -18.10 35.47
C ASP B 226 -7.76 -18.63 36.84
N TYR B 227 -7.57 -17.83 37.89
CA TYR B 227 -7.97 -18.26 39.23
C TYR B 227 -7.85 -17.19 40.30
N ILE B 228 -8.58 -17.41 41.39
CA ILE B 228 -8.43 -16.64 42.60
C ILE B 228 -7.74 -17.52 43.65
N LYS B 229 -6.76 -16.95 44.33
CA LYS B 229 -6.24 -17.55 45.54
C LYS B 229 -6.47 -16.57 46.68
N ILE B 230 -6.81 -17.10 47.85
CA ILE B 230 -7.01 -16.25 49.00
C ILE B 230 -6.12 -16.69 50.15
N LYS B 231 -5.16 -15.85 50.52
CA LYS B 231 -4.27 -16.17 51.63
C LYS B 231 -4.76 -15.57 52.95
N VAL B 232 -5.01 -16.42 53.92
CA VAL B 232 -5.36 -15.97 55.26
C VAL B 232 -4.52 -16.76 56.27
N GLY B 233 -3.77 -16.03 57.11
CA GLY B 233 -2.76 -16.67 57.95
C GLY B 233 -1.71 -17.31 57.08
N PRO B 234 -1.16 -18.46 57.52
CA PRO B 234 -0.17 -19.18 56.74
C PRO B 234 -0.82 -20.17 55.77
N LYS B 235 -1.98 -19.83 55.23
CA LYS B 235 -2.74 -20.79 54.43
C LYS B 235 -3.40 -20.15 53.22
N VAL B 236 -3.31 -20.83 52.08
CA VAL B 236 -3.94 -20.36 50.85
C VAL B 236 -5.18 -21.18 50.53
N LEU B 237 -6.28 -20.49 50.31
CA LEU B 237 -7.52 -21.11 49.86
C LEU B 237 -7.63 -20.97 48.36
N GLY B 238 -8.16 -22.01 47.71
CA GLY B 238 -8.28 -22.00 46.27
C GLY B 238 -7.35 -23.04 45.70
N PRO B 239 -7.05 -22.94 44.40
CA PRO B 239 -7.52 -21.87 43.52
C PRO B 239 -9.01 -22.00 43.18
N PHE B 240 -9.65 -20.87 42.90
CA PHE B 240 -11.05 -20.85 42.54
C PHE B 240 -11.23 -20.37 41.12
N CYS B 241 -12.10 -21.06 40.38
CA CYS B 241 -12.46 -20.65 39.03
C CYS B 241 -13.84 -21.20 38.68
N GLY B 242 -14.31 -20.96 37.46
CA GLY B 242 -15.59 -21.51 36.99
C GLY B 242 -16.79 -20.57 37.05
N GLU B 243 -17.99 -21.15 37.02
CA GLU B 243 -19.23 -20.38 36.95
C GLU B 243 -19.93 -20.30 38.30
N LYS B 244 -19.38 -21.01 39.28
CA LYS B 244 -19.99 -21.11 40.59
C LYS B 244 -18.99 -20.58 41.61
N ALA B 245 -19.40 -19.54 42.33
CA ALA B 245 -18.53 -18.93 43.33
C ALA B 245 -18.34 -19.87 44.51
N PRO B 246 -17.19 -19.80 45.17
CA PRO B 246 -17.02 -20.54 46.42
C PRO B 246 -18.02 -20.05 47.46
N GLU B 247 -18.31 -20.91 48.44
CA GLU B 247 -19.22 -20.55 49.53
C GLU B 247 -18.60 -19.46 50.38
N PRO B 248 -19.43 -18.71 51.12
CA PRO B 248 -18.89 -17.66 51.97
C PRO B 248 -17.74 -18.14 52.85
N ILE B 249 -16.74 -17.29 53.05
CA ILE B 249 -15.56 -17.66 53.83
C ILE B 249 -15.47 -16.83 55.12
N SER B 250 -15.54 -17.52 56.25
CA SER B 250 -15.34 -16.88 57.55
C SER B 250 -13.91 -17.06 58.02
N THR B 251 -13.12 -16.00 57.96
CA THR B 251 -11.75 -16.08 58.45
C THR B 251 -11.73 -15.73 59.94
N GLN B 252 -10.60 -16.02 60.58
CA GLN B 252 -10.42 -15.62 61.97
C GLN B 252 -9.32 -14.58 61.98
N SER B 253 -9.24 -13.83 60.89
CA SER B 253 -8.12 -12.94 60.61
C SER B 253 -8.58 -11.51 60.31
N HIS B 254 -7.77 -10.55 60.74
CA HIS B 254 -8.04 -9.15 60.45
C HIS B 254 -7.45 -8.77 59.09
N SER B 255 -6.69 -9.68 58.49
CA SER B 255 -6.04 -9.40 57.22
C SER B 255 -6.17 -10.56 56.23
N VAL B 256 -6.43 -10.20 54.98
CA VAL B 256 -6.66 -11.19 53.93
C VAL B 256 -6.02 -10.71 52.64
N LEU B 257 -5.42 -11.63 51.89
CA LEU B 257 -4.93 -11.33 50.56
C LEU B 257 -5.73 -12.11 49.52
N ILE B 258 -6.20 -11.40 48.49
CA ILE B 258 -6.85 -12.02 47.36
C ILE B 258 -5.98 -11.82 46.13
N LEU B 259 -5.53 -12.92 45.54
CA LEU B 259 -4.75 -12.88 44.31
C LEU B 259 -5.64 -13.35 43.16
N PHE B 260 -5.72 -12.53 42.12
CA PHE B 260 -6.44 -12.89 40.91
C PHE B 260 -5.49 -12.93 39.72
N HIS B 261 -5.34 -14.12 39.14
CA HIS B 261 -4.47 -14.33 37.99
C HIS B 261 -5.30 -14.55 36.74
N SER B 262 -4.96 -13.86 35.65
CA SER B 262 -5.60 -14.10 34.36
C SER B 262 -4.56 -14.36 33.27
N ASP B 263 -4.84 -15.34 32.41
CA ASP B 263 -3.88 -15.69 31.36
C ASP B 263 -4.10 -14.87 30.08
N ASN B 264 -3.46 -15.29 28.99
CA ASN B 264 -3.45 -14.52 27.75
C ASN B 264 -4.65 -14.73 26.81
N SER B 265 -5.74 -15.32 27.33
CA SER B 265 -6.86 -15.69 26.47
C SER B 265 -8.22 -15.66 27.19
N GLY B 266 -9.28 -15.32 26.46
CA GLY B 266 -10.64 -15.41 26.98
C GLY B 266 -11.32 -14.07 27.23
N GLU B 267 -12.65 -14.10 27.39
CA GLU B 267 -13.43 -12.87 27.63
C GLU B 267 -14.36 -12.96 28.83
N ASN B 268 -14.01 -13.78 29.81
CA ASN B 268 -14.86 -14.00 30.99
C ASN B 268 -15.11 -12.72 31.82
N ARG B 269 -16.28 -12.65 32.45
CA ARG B 269 -16.73 -11.41 33.07
C ARG B 269 -16.15 -11.13 34.46
N GLY B 270 -15.67 -12.17 35.14
CA GLY B 270 -15.00 -11.98 36.41
C GLY B 270 -15.84 -12.25 37.64
N TRP B 271 -15.66 -11.42 38.66
CA TRP B 271 -16.21 -11.71 39.98
C TRP B 271 -16.32 -10.47 40.85
N ARG B 272 -17.15 -10.57 41.88
CA ARG B 272 -17.34 -9.51 42.86
C ARG B 272 -17.48 -10.15 44.23
N LEU B 273 -16.89 -9.54 45.24
CA LEU B 273 -17.13 -9.99 46.60
C LEU B 273 -17.31 -8.80 47.52
N SER B 274 -18.01 -9.03 48.62
CA SER B 274 -18.09 -8.05 49.67
C SER B 274 -17.49 -8.67 50.92
N TYR B 275 -16.90 -7.84 51.77
CA TYR B 275 -16.35 -8.34 53.01
C TYR B 275 -16.97 -7.55 54.17
N ARG B 276 -17.08 -8.20 55.32
CA ARG B 276 -17.60 -7.57 56.52
C ARG B 276 -16.87 -8.13 57.71
N ALA B 277 -16.67 -7.32 58.73
CA ALA B 277 -16.17 -7.81 60.00
C ALA B 277 -17.29 -8.57 60.70
N ALA B 278 -16.98 -9.78 61.18
CA ALA B 278 -17.93 -10.61 61.91
C ALA B 278 -18.56 -9.83 63.06
C1 NAG C . 16.27 5.99 -17.39
C2 NAG C . 16.69 7.23 -16.60
C3 NAG C . 18.01 6.97 -15.90
C4 NAG C . 17.73 5.83 -14.93
C5 NAG C . 17.41 4.61 -15.81
C6 NAG C . 17.29 3.32 -15.01
C7 NAG C . 16.38 9.60 -17.06
C8 NAG C . 16.57 10.72 -18.04
N2 NAG C . 16.78 8.40 -17.48
O3 NAG C . 18.51 8.11 -15.23
O4 NAG C . 18.82 5.62 -14.05
O5 NAG C . 16.21 4.85 -16.54
O6 NAG C . 16.84 2.30 -15.91
O7 NAG C . 15.90 9.81 -15.95
CA CA D . 4.66 4.40 -5.83
CA CA E . -3.45 24.42 29.50
CA CA F . 4.93 16.41 -31.39
CA CA G . 1.76 -5.04 6.96
CA CA H . 3.67 -23.65 -30.22
CA CA I . -8.25 -16.35 30.57
#